data_2OZO
#
_entry.id   2OZO
#
_cell.length_a   48.297
_cell.length_b   52.929
_cell.length_c   69.331
_cell.angle_alpha   105.91
_cell.angle_beta   92.94
_cell.angle_gamma   103.72
#
_symmetry.space_group_name_H-M   'P 1'
#
loop_
_entity.id
_entity.type
_entity.pdbx_description
1 polymer 'Tyrosine-protein kinase ZAP-70'
2 non-polymer 'MAGNESIUM ION'
3 non-polymer 'PHOSPHOAMINOPHOSPHONIC ACID-ADENYLATE ESTER'
4 water water
#
_entity_poly.entity_id   1
_entity_poly.type   'polypeptide(L)'
_entity_poly.pdbx_seq_one_letter_code
;MPDPAAHLPFFYGSISRAEAEEHLKLAGMADGLFLLRQCLRSLGGYVLSLVHDVRFHHFPIERQLNGTYAIAGGKAHCGP
AELCEFYSRDPDGLPCNLRKPCNRPSGLEPQPGVFDCLRDAMVRDYVRQTWKLEGEALEQAIISQAPQVEKLIATTAHER
MPWYHSSLTREEAERKLYSGAQTDGKFLLRPRKEQGTYALSLIYGKTVYHYLISQDKAGKYCIPEGTKFDTLWQLVEYLK
LKADGLIYCLKEACPNSSASNASGAAAPTLPAHPSTLTHPQRRIDTLNSDGYTPEPARITSPDKPRPMPMDTSVFESPFS
DPEELKDKKLFLKRDNLLIADIELGCGNFGSVRQGVYRMRKKQIDVAIKVLKQGTEKADTEEMMREAQIMHQLDNPYIVR
LIGVCQAEALMLVMEMAGGGPLHKFLVGKREEIPVSNVAELLHQVSMGMKYLEEKNFVHRNLAARNVLLVNRHYAKISDF
GLSKALGADDSYYTARSAGKWPLKWYAPECINFRKFSSRSDVWSYGVTMWEALSYGQKPYKKMKGPEVMAFIEQGKRMEC
PPECPPELYALMSDCWIYKWEDRPDFLTVEQRMRACYYSLASKVEGGSALEVA
;
_entity_poly.pdbx_strand_id   A
#
loop_
_chem_comp.id
_chem_comp.type
_chem_comp.name
_chem_comp.formula
ANP non-polymer 'PHOSPHOAMINOPHOSPHONIC ACID-ADENYLATE ESTER' 'C10 H17 N6 O12 P3'
MG non-polymer 'MAGNESIUM ION' 'Mg 2'
#
# COMPACT_ATOMS: atom_id res chain seq x y z
N PRO A 2 -3.48 -8.14 -0.20
CA PRO A 2 -3.79 -9.27 0.71
C PRO A 2 -2.58 -10.18 1.01
N ASP A 3 -2.63 -11.37 0.43
CA ASP A 3 -1.62 -12.41 0.57
C ASP A 3 -0.47 -12.17 -0.42
N PRO A 4 0.79 -12.47 -0.03
CA PRO A 4 1.91 -12.26 -0.95
C PRO A 4 1.91 -13.24 -2.12
N ALA A 5 0.85 -14.03 -2.21
CA ALA A 5 0.72 -15.02 -3.28
C ALA A 5 -0.47 -14.68 -4.17
N ALA A 6 -1.14 -13.58 -3.83
CA ALA A 6 -2.32 -13.13 -4.55
C ALA A 6 -2.09 -12.88 -6.02
N HIS A 7 -0.90 -12.41 -6.38
CA HIS A 7 -0.61 -12.16 -7.78
C HIS A 7 -0.34 -13.44 -8.54
N LEU A 8 0.26 -14.42 -7.87
CA LEU A 8 0.57 -15.69 -8.52
C LEU A 8 -0.67 -16.22 -9.22
N PRO A 9 -0.62 -16.34 -10.56
CA PRO A 9 -1.76 -16.84 -11.32
C PRO A 9 -2.23 -18.28 -10.99
N PHE A 10 -1.43 -19.02 -10.22
CA PHE A 10 -1.78 -20.39 -9.83
C PHE A 10 -2.14 -20.55 -8.35
N PHE A 11 -2.33 -19.44 -7.66
CA PHE A 11 -2.70 -19.48 -6.24
C PHE A 11 -4.22 -19.45 -6.10
N TYR A 12 -4.78 -20.37 -5.34
CA TYR A 12 -6.23 -20.44 -5.18
C TYR A 12 -6.78 -19.98 -3.83
N GLY A 13 -5.94 -19.41 -2.98
CA GLY A 13 -6.47 -18.98 -1.71
C GLY A 13 -6.85 -20.11 -0.76
N SER A 14 -8.05 -20.04 -0.18
CA SER A 14 -8.47 -21.02 0.80
C SER A 14 -9.40 -22.14 0.35
N ILE A 15 -9.03 -22.85 -0.71
CA ILE A 15 -9.88 -23.94 -1.19
C ILE A 15 -9.55 -25.22 -0.42
N SER A 16 -10.51 -26.15 -0.40
CA SER A 16 -10.32 -27.41 0.31
C SER A 16 -9.41 -28.34 -0.48
N ARG A 17 -8.97 -29.41 0.17
CA ARG A 17 -8.09 -30.36 -0.50
C ARG A 17 -8.76 -31.00 -1.71
N ALA A 18 -10.08 -31.18 -1.64
CA ALA A 18 -10.84 -31.77 -2.74
C ALA A 18 -10.99 -30.79 -3.90
N GLU A 19 -11.37 -29.55 -3.57
CA GLU A 19 -11.52 -28.52 -4.58
C GLU A 19 -10.19 -28.48 -5.33
N ALA A 20 -9.10 -28.49 -4.57
CA ALA A 20 -7.75 -28.46 -5.11
C ALA A 20 -7.53 -29.57 -6.12
N GLU A 21 -7.71 -30.81 -5.67
CA GLU A 21 -7.51 -31.95 -6.58
C GLU A 21 -8.37 -31.76 -7.83
N GLU A 22 -9.63 -31.34 -7.64
CA GLU A 22 -10.53 -31.12 -8.76
C GLU A 22 -9.92 -30.25 -9.85
N HIS A 23 -9.46 -29.06 -9.48
CA HIS A 23 -8.86 -28.15 -10.45
C HIS A 23 -7.69 -28.81 -11.18
N LEU A 24 -6.97 -29.68 -10.48
CA LEU A 24 -5.83 -30.38 -11.06
C LEU A 24 -6.31 -31.51 -11.97
N LYS A 25 -7.31 -32.24 -11.49
CA LYS A 25 -7.90 -33.34 -12.25
C LYS A 25 -8.26 -32.79 -13.60
N LEU A 26 -9.02 -31.69 -13.57
CA LEU A 26 -9.52 -31.03 -14.76
C LEU A 26 -8.46 -30.30 -15.57
N ALA A 27 -7.21 -30.33 -15.13
CA ALA A 27 -6.17 -29.64 -15.87
C ALA A 27 -5.32 -30.60 -16.71
N GLY A 28 -5.53 -31.90 -16.53
CA GLY A 28 -4.78 -32.86 -17.32
C GLY A 28 -4.00 -33.87 -16.51
N MET A 29 -4.15 -33.85 -15.19
CA MET A 29 -3.46 -34.77 -14.31
C MET A 29 -2.04 -35.12 -14.72
N ALA A 30 -1.43 -34.24 -15.51
CA ALA A 30 -0.06 -34.44 -15.98
C ALA A 30 0.94 -34.41 -14.84
N ASP A 31 2.13 -34.92 -15.11
CA ASP A 31 3.19 -34.94 -14.11
C ASP A 31 3.87 -33.57 -14.14
N GLY A 32 3.71 -32.81 -13.06
CA GLY A 32 4.30 -31.48 -12.98
C GLY A 32 3.23 -30.42 -12.76
N LEU A 33 1.97 -30.83 -12.88
CA LEU A 33 0.84 -29.94 -12.67
C LEU A 33 0.81 -29.58 -11.19
N PHE A 34 0.74 -28.28 -10.88
CA PHE A 34 0.76 -27.86 -9.49
C PHE A 34 -0.01 -26.57 -9.24
N LEU A 35 -0.52 -26.42 -8.02
CA LEU A 35 -1.24 -25.23 -7.64
C LEU A 35 -0.88 -24.91 -6.21
N LEU A 36 -1.14 -23.69 -5.80
CA LEU A 36 -0.81 -23.28 -4.45
C LEU A 36 -2.11 -22.93 -3.76
N ARG A 37 -2.14 -23.09 -2.44
CA ARG A 37 -3.32 -22.72 -1.67
C ARG A 37 -2.92 -22.41 -0.24
N GLN A 38 -3.85 -21.86 0.53
CA GLN A 38 -3.60 -21.49 1.92
C GLN A 38 -3.88 -22.65 2.83
N CYS A 39 -3.10 -22.77 3.90
CA CYS A 39 -3.30 -23.84 4.85
C CYS A 39 -4.39 -23.34 5.78
N LEU A 40 -5.49 -24.08 5.86
CA LEU A 40 -6.60 -23.72 6.69
C LEU A 40 -6.23 -23.73 8.16
N ARG A 41 -5.19 -24.50 8.50
CA ARG A 41 -4.77 -24.64 9.90
C ARG A 41 -3.56 -23.83 10.35
N SER A 42 -2.92 -23.09 9.44
CA SER A 42 -1.77 -22.29 9.86
C SER A 42 -1.75 -20.93 9.18
N LEU A 43 -1.65 -19.89 10.00
CA LEU A 43 -1.64 -18.51 9.55
C LEU A 43 -0.43 -18.10 8.69
N GLY A 44 -0.70 -17.79 7.43
CA GLY A 44 0.37 -17.39 6.55
C GLY A 44 1.01 -18.55 5.83
N GLY A 45 0.55 -19.76 6.12
CA GLY A 45 1.10 -20.96 5.51
C GLY A 45 0.40 -21.38 4.23
N TYR A 46 1.04 -22.25 3.47
CA TYR A 46 0.48 -22.73 2.21
C TYR A 46 0.51 -24.23 2.13
N VAL A 47 0.13 -24.71 0.94
CA VAL A 47 0.10 -26.12 0.64
C VAL A 47 0.38 -26.23 -0.86
N LEU A 48 1.50 -26.84 -1.18
CA LEU A 48 1.89 -27.05 -2.56
C LEU A 48 1.23 -28.36 -2.97
N SER A 49 0.48 -28.33 -4.06
CA SER A 49 -0.21 -29.53 -4.53
C SER A 49 0.21 -29.87 -5.96
N LEU A 50 0.94 -30.97 -6.13
CA LEU A 50 1.37 -31.34 -7.47
C LEU A 50 0.94 -32.74 -7.89
N VAL A 51 0.96 -32.95 -9.21
CA VAL A 51 0.59 -34.22 -9.80
C VAL A 51 1.80 -34.89 -10.42
N HIS A 52 2.03 -36.15 -10.04
CA HIS A 52 3.12 -36.95 -10.56
C HIS A 52 2.67 -38.39 -10.66
N ASP A 53 2.91 -39.00 -11.82
CA ASP A 53 2.51 -40.38 -12.05
C ASP A 53 1.04 -40.51 -11.62
N VAL A 54 0.21 -39.68 -12.25
CA VAL A 54 -1.23 -39.64 -12.03
C VAL A 54 -1.74 -39.78 -10.59
N ARG A 55 -0.97 -39.31 -9.62
CA ARG A 55 -1.40 -39.37 -8.22
C ARG A 55 -1.11 -38.01 -7.57
N PHE A 56 -1.95 -37.63 -6.61
CA PHE A 56 -1.80 -36.35 -5.92
C PHE A 56 -0.79 -36.34 -4.76
N HIS A 57 -0.10 -35.22 -4.59
CA HIS A 57 0.87 -35.02 -3.52
C HIS A 57 0.70 -33.64 -2.91
N HIS A 58 0.44 -33.61 -1.60
CA HIS A 58 0.24 -32.36 -0.92
C HIS A 58 1.35 -32.02 0.06
N PHE A 59 2.04 -30.92 -0.20
CA PHE A 59 3.11 -30.47 0.66
C PHE A 59 2.77 -29.16 1.36
N PRO A 60 2.66 -29.19 2.70
CA PRO A 60 2.34 -27.99 3.48
C PRO A 60 3.57 -27.08 3.55
N ILE A 61 3.35 -25.77 3.55
CA ILE A 61 4.46 -24.82 3.58
C ILE A 61 4.32 -23.84 4.72
N GLU A 62 5.14 -24.00 5.76
CA GLU A 62 5.07 -23.13 6.93
C GLU A 62 5.86 -21.85 6.75
N ARG A 63 5.57 -20.89 7.63
CA ARG A 63 6.25 -19.61 7.60
C ARG A 63 7.04 -19.53 8.90
N GLN A 64 8.36 -19.49 8.76
CA GLN A 64 9.27 -19.42 9.90
C GLN A 64 9.19 -18.05 10.58
N LEU A 65 9.70 -17.95 11.80
CA LEU A 65 9.66 -16.69 12.53
C LEU A 65 10.42 -15.55 11.89
N ASN A 66 11.25 -15.87 10.92
CA ASN A 66 12.04 -14.85 10.24
C ASN A 66 11.38 -14.37 8.96
N GLY A 67 10.29 -15.01 8.57
CA GLY A 67 9.60 -14.58 7.36
C GLY A 67 9.71 -15.46 6.13
N THR A 68 10.67 -16.38 6.10
CA THR A 68 10.83 -17.26 4.94
C THR A 68 9.81 -18.40 4.94
N TYR A 69 9.72 -19.07 3.81
CA TYR A 69 8.77 -20.16 3.67
C TYR A 69 9.53 -21.39 3.27
N ALA A 70 9.16 -22.52 3.87
CA ALA A 70 9.84 -23.75 3.56
C ALA A 70 9.00 -24.97 3.81
N ILE A 71 9.20 -25.98 2.98
CA ILE A 71 8.53 -27.26 3.14
C ILE A 71 9.42 -28.01 4.15
N ALA A 72 8.81 -28.66 5.14
CA ALA A 72 9.59 -29.38 6.15
C ALA A 72 10.84 -30.10 5.59
N GLY A 73 12.00 -29.79 6.15
CA GLY A 73 13.24 -30.39 5.70
C GLY A 73 13.84 -29.72 4.47
N GLY A 74 13.02 -28.98 3.73
CA GLY A 74 13.49 -28.29 2.54
C GLY A 74 14.19 -26.98 2.82
N LYS A 75 14.60 -26.28 1.75
CA LYS A 75 15.30 -25.01 1.87
C LYS A 75 14.33 -23.91 2.26
N ALA A 76 14.85 -22.81 2.80
CA ALA A 76 14.01 -21.67 3.16
C ALA A 76 13.92 -20.76 1.94
N HIS A 77 12.75 -20.16 1.73
CA HIS A 77 12.53 -19.26 0.61
C HIS A 77 11.90 -17.98 1.11
N CYS A 78 12.28 -16.85 0.51
CA CYS A 78 11.75 -15.56 0.93
C CYS A 78 10.27 -15.34 0.63
N GLY A 79 9.70 -16.19 -0.20
CA GLY A 79 8.30 -16.05 -0.52
C GLY A 79 7.76 -17.09 -1.47
N PRO A 80 6.43 -17.31 -1.45
CA PRO A 80 5.72 -18.28 -2.29
C PRO A 80 6.25 -18.23 -3.71
N ALA A 81 6.45 -17.01 -4.21
CA ALA A 81 6.94 -16.82 -5.56
C ALA A 81 8.29 -17.47 -5.72
N GLU A 82 9.24 -17.04 -4.90
CA GLU A 82 10.59 -17.58 -4.96
C GLU A 82 10.60 -19.09 -4.73
N LEU A 83 9.71 -19.59 -3.88
CA LEU A 83 9.63 -21.01 -3.61
C LEU A 83 9.28 -21.81 -4.85
N CYS A 84 8.16 -21.46 -5.48
CA CYS A 84 7.71 -22.17 -6.68
C CYS A 84 8.65 -22.04 -7.86
N GLU A 85 9.34 -20.91 -7.91
CA GLU A 85 10.30 -20.67 -8.98
C GLU A 85 11.50 -21.61 -8.79
N PHE A 86 11.82 -21.91 -7.53
CA PHE A 86 12.93 -22.77 -7.17
C PHE A 86 12.69 -24.24 -7.55
N TYR A 87 11.63 -24.85 -7.00
CA TYR A 87 11.32 -26.25 -7.28
C TYR A 87 10.94 -26.53 -8.73
N SER A 88 10.79 -25.50 -9.54
CA SER A 88 10.43 -25.66 -10.94
C SER A 88 11.68 -26.01 -11.72
N ARG A 89 12.83 -25.69 -11.13
CA ARG A 89 14.10 -25.97 -11.78
C ARG A 89 14.95 -26.97 -11.04
N ASP A 90 14.41 -27.52 -9.95
CA ASP A 90 15.11 -28.52 -9.15
C ASP A 90 14.16 -29.24 -8.17
N PRO A 91 13.98 -30.57 -8.35
CA PRO A 91 13.10 -31.32 -7.46
C PRO A 91 13.49 -31.19 -5.99
N ASP A 92 14.78 -31.10 -5.74
CA ASP A 92 15.33 -30.95 -4.40
C ASP A 92 14.54 -31.64 -3.28
N GLY A 93 13.96 -32.80 -3.58
CA GLY A 93 13.22 -33.54 -2.56
C GLY A 93 11.87 -34.08 -2.99
N LEU A 94 11.19 -33.35 -3.87
CA LEU A 94 9.87 -33.72 -4.36
C LEU A 94 9.90 -34.72 -5.51
N PRO A 95 8.77 -35.40 -5.76
CA PRO A 95 8.67 -36.39 -6.84
C PRO A 95 9.15 -35.88 -8.20
N CYS A 96 9.17 -34.56 -8.38
CA CYS A 96 9.61 -33.99 -9.64
C CYS A 96 9.46 -32.49 -9.69
N ASN A 97 10.27 -31.85 -10.53
CA ASN A 97 10.23 -30.40 -10.68
C ASN A 97 8.81 -29.89 -10.96
N LEU A 98 8.55 -28.65 -10.59
CA LEU A 98 7.24 -28.04 -10.84
C LEU A 98 7.29 -27.65 -12.30
N ARG A 99 6.36 -28.18 -13.09
CA ARG A 99 6.33 -27.87 -14.50
C ARG A 99 5.10 -27.01 -14.85
N LYS A 100 4.12 -27.59 -15.54
CA LYS A 100 2.93 -26.85 -15.91
C LYS A 100 2.06 -26.50 -14.73
N PRO A 101 1.89 -25.20 -14.45
CA PRO A 101 1.08 -24.65 -13.37
C PRO A 101 -0.41 -24.62 -13.70
N CYS A 102 -1.26 -25.10 -12.79
CA CYS A 102 -2.70 -25.11 -13.01
C CYS A 102 -3.29 -23.75 -12.68
N ASN A 103 -3.11 -22.79 -13.59
CA ASN A 103 -3.63 -21.44 -13.36
C ASN A 103 -5.13 -21.38 -13.18
N ARG A 104 -5.57 -20.40 -12.41
CA ARG A 104 -6.99 -20.18 -12.12
C ARG A 104 -7.83 -19.97 -13.38
N PRO A 105 -8.94 -20.70 -13.49
CA PRO A 105 -9.85 -20.63 -14.63
C PRO A 105 -10.54 -19.28 -14.82
N SER A 106 -10.94 -19.01 -16.05
CA SER A 106 -11.66 -17.77 -16.46
C SER A 106 -11.16 -16.47 -15.80
N GLY A 107 -11.93 -16.01 -14.82
CA GLY A 107 -11.55 -14.78 -14.12
C GLY A 107 -11.70 -14.97 -12.62
N LEU A 108 -11.47 -16.18 -12.14
CA LEU A 108 -11.58 -16.47 -10.72
C LEU A 108 -10.41 -15.89 -9.94
N GLU A 109 -10.68 -15.53 -8.69
CA GLU A 109 -9.67 -14.96 -7.81
C GLU A 109 -9.56 -15.89 -6.60
N PRO A 110 -8.48 -15.76 -5.80
CA PRO A 110 -8.34 -16.63 -4.64
C PRO A 110 -9.58 -16.57 -3.75
N GLN A 111 -9.84 -17.64 -3.01
CA GLN A 111 -11.00 -17.66 -2.14
C GLN A 111 -10.60 -17.11 -0.79
N PRO A 112 -10.96 -15.85 -0.52
CA PRO A 112 -10.64 -15.20 0.75
C PRO A 112 -11.17 -16.00 1.93
N GLY A 113 -10.29 -16.27 2.89
CA GLY A 113 -10.68 -17.03 4.07
C GLY A 113 -10.68 -16.25 5.38
N VAL A 114 -10.55 -16.99 6.48
CA VAL A 114 -10.55 -16.40 7.81
C VAL A 114 -9.28 -15.63 8.12
N PHE A 115 -8.17 -16.08 7.55
CA PHE A 115 -6.93 -15.38 7.80
C PHE A 115 -6.86 -14.09 7.00
N ASP A 116 -7.52 -14.07 5.85
CA ASP A 116 -7.52 -12.84 5.04
C ASP A 116 -8.40 -11.84 5.76
N CYS A 117 -9.54 -12.30 6.27
CA CYS A 117 -10.46 -11.44 6.99
C CYS A 117 -9.81 -10.97 8.27
N LEU A 118 -9.15 -11.88 8.97
CA LEU A 118 -8.46 -11.54 10.21
C LEU A 118 -7.42 -10.46 9.92
N ARG A 119 -6.63 -10.67 8.88
CA ARG A 119 -5.57 -9.75 8.49
C ARG A 119 -6.06 -8.30 8.24
N ASP A 120 -7.11 -8.14 7.43
CA ASP A 120 -7.61 -6.81 7.19
C ASP A 120 -8.06 -6.16 8.48
N ALA A 121 -8.90 -6.87 9.23
CA ALA A 121 -9.40 -6.33 10.48
C ALA A 121 -8.28 -5.70 11.31
N MET A 122 -7.21 -6.45 11.55
CA MET A 122 -6.11 -5.94 12.35
C MET A 122 -5.53 -4.66 11.75
N VAL A 123 -5.17 -4.71 10.47
CA VAL A 123 -4.62 -3.55 9.82
C VAL A 123 -5.54 -2.36 10.03
N ARG A 124 -6.82 -2.55 9.68
CA ARG A 124 -7.85 -1.53 9.79
C ARG A 124 -7.86 -0.91 11.19
N ASP A 125 -8.09 -1.73 12.20
CA ASP A 125 -8.14 -1.27 13.57
C ASP A 125 -6.77 -0.81 14.05
N TYR A 126 -5.73 -1.05 13.27
CA TYR A 126 -4.40 -0.65 13.67
C TYR A 126 -4.14 0.81 13.31
N VAL A 127 -4.54 1.18 12.11
CA VAL A 127 -4.33 2.55 11.68
C VAL A 127 -5.30 3.40 12.45
N ARG A 128 -6.57 2.99 12.43
CA ARG A 128 -7.59 3.73 13.15
C ARG A 128 -7.06 4.00 14.55
N GLN A 129 -6.55 2.96 15.17
CA GLN A 129 -6.00 3.04 16.51
C GLN A 129 -4.74 3.91 16.61
N THR A 130 -3.68 3.48 15.93
CA THR A 130 -2.36 4.16 15.94
C THR A 130 -2.31 5.61 15.45
N TRP A 131 -3.29 6.02 14.64
CA TRP A 131 -3.29 7.37 14.10
C TRP A 131 -4.68 8.00 14.15
N LYS A 132 -5.57 7.40 14.94
CA LYS A 132 -6.94 7.88 15.11
C LYS A 132 -7.55 8.43 13.83
N LEU A 133 -7.31 7.73 12.74
CA LEU A 133 -7.80 8.12 11.43
C LEU A 133 -9.22 7.60 11.21
N GLU A 134 -9.96 8.24 10.32
CA GLU A 134 -11.33 7.82 10.04
C GLU A 134 -11.74 8.06 8.58
N GLY A 135 -12.91 7.54 8.20
CA GLY A 135 -13.40 7.73 6.84
C GLY A 135 -12.46 7.30 5.73
N GLU A 136 -12.52 8.00 4.60
CA GLU A 136 -11.66 7.68 3.45
C GLU A 136 -10.21 7.89 3.89
N ALA A 137 -9.98 8.88 4.74
CA ALA A 137 -8.63 9.14 5.24
C ALA A 137 -8.02 7.82 5.74
N LEU A 138 -8.82 7.07 6.49
CA LEU A 138 -8.36 5.78 7.00
C LEU A 138 -8.27 4.83 5.79
N GLU A 139 -9.27 4.88 4.93
CA GLU A 139 -9.29 4.05 3.75
C GLU A 139 -8.08 4.34 2.86
N GLN A 140 -7.66 5.60 2.84
CA GLN A 140 -6.53 6.04 2.02
C GLN A 140 -5.24 5.63 2.68
N ALA A 141 -5.22 5.66 4.00
CA ALA A 141 -4.01 5.24 4.70
C ALA A 141 -3.80 3.75 4.47
N ILE A 142 -4.84 2.95 4.71
CA ILE A 142 -4.80 1.51 4.58
C ILE A 142 -4.39 1.03 3.20
N ILE A 143 -5.19 1.39 2.20
CA ILE A 143 -4.92 0.99 0.83
C ILE A 143 -3.48 1.15 0.43
N SER A 144 -2.84 2.21 0.92
CA SER A 144 -1.46 2.46 0.56
C SER A 144 -0.40 1.83 1.46
N GLN A 145 -0.69 1.73 2.76
CA GLN A 145 0.31 1.23 3.69
C GLN A 145 0.04 -0.13 4.33
N ALA A 146 -0.92 -0.86 3.79
CA ALA A 146 -1.23 -2.19 4.33
C ALA A 146 0.06 -3.02 4.41
N PRO A 147 0.91 -2.97 3.37
CA PRO A 147 2.16 -3.73 3.38
C PRO A 147 3.03 -3.40 4.57
N GLN A 148 3.16 -2.11 4.84
CA GLN A 148 3.99 -1.65 5.95
C GLN A 148 3.33 -1.90 7.29
N VAL A 149 2.00 -1.75 7.34
CA VAL A 149 1.27 -1.98 8.59
C VAL A 149 1.30 -3.43 9.02
N GLU A 150 1.28 -4.36 8.08
CA GLU A 150 1.33 -5.77 8.45
C GLU A 150 2.67 -6.06 9.12
N LYS A 151 3.74 -5.55 8.53
CA LYS A 151 5.06 -5.78 9.09
C LYS A 151 5.10 -5.28 10.53
N LEU A 152 4.48 -4.13 10.78
CA LEU A 152 4.44 -3.58 12.12
C LEU A 152 3.70 -4.52 13.05
N ILE A 153 2.57 -5.01 12.57
CA ILE A 153 1.71 -5.92 13.32
C ILE A 153 2.40 -7.23 13.65
N ALA A 154 3.38 -7.60 12.83
CA ALA A 154 4.10 -8.85 13.05
C ALA A 154 5.34 -8.67 13.91
N THR A 155 5.59 -7.45 14.37
CA THR A 155 6.77 -7.19 15.17
C THR A 155 6.41 -6.56 16.50
N THR A 156 5.16 -6.15 16.63
CA THR A 156 4.71 -5.53 17.87
C THR A 156 4.76 -6.60 18.97
N ALA A 157 5.49 -6.32 20.04
CA ALA A 157 5.64 -7.27 21.14
C ALA A 157 4.33 -7.53 21.88
N HIS A 158 4.07 -8.78 22.23
CA HIS A 158 2.84 -9.08 22.94
C HIS A 158 2.90 -8.44 24.32
N GLU A 159 4.10 -8.28 24.85
CA GLU A 159 4.25 -7.68 26.16
C GLU A 159 3.59 -6.31 26.17
N ARG A 160 3.38 -5.75 24.98
CA ARG A 160 2.75 -4.43 24.85
C ARG A 160 1.25 -4.50 25.14
N MET A 161 0.55 -5.41 24.45
CA MET A 161 -0.90 -5.58 24.60
C MET A 161 -1.37 -5.54 26.06
N PRO A 162 -2.52 -4.89 26.31
CA PRO A 162 -3.12 -4.74 27.63
C PRO A 162 -3.57 -6.02 28.32
N TRP A 163 -3.79 -7.07 27.54
CA TRP A 163 -4.25 -8.33 28.11
C TRP A 163 -3.15 -9.24 28.61
N TYR A 164 -1.91 -8.89 28.31
CA TYR A 164 -0.78 -9.69 28.75
C TYR A 164 -0.36 -9.30 30.16
N HIS A 165 -0.15 -10.29 31.02
CA HIS A 165 0.29 -10.03 32.38
C HIS A 165 1.54 -10.84 32.60
N SER A 166 2.69 -10.16 32.48
CA SER A 166 4.04 -10.71 32.60
C SER A 166 4.48 -11.48 33.83
N SER A 167 3.70 -11.48 34.88
CA SER A 167 4.13 -12.22 36.07
C SER A 167 2.93 -12.60 36.93
N LEU A 168 2.03 -13.39 36.36
CA LEU A 168 0.82 -13.80 37.05
C LEU A 168 0.75 -15.32 37.21
N THR A 169 0.11 -15.78 38.28
CA THR A 169 -0.03 -17.22 38.49
C THR A 169 -1.49 -17.58 38.19
N ARG A 170 -1.72 -18.87 37.97
CA ARG A 170 -3.04 -19.38 37.67
C ARG A 170 -4.02 -18.96 38.76
N GLU A 171 -3.59 -19.06 40.01
CA GLU A 171 -4.41 -18.71 41.17
C GLU A 171 -4.72 -17.22 41.17
N GLU A 172 -3.72 -16.42 40.79
CA GLU A 172 -3.91 -14.98 40.76
C GLU A 172 -4.81 -14.54 39.62
N ALA A 173 -4.46 -14.94 38.40
CA ALA A 173 -5.27 -14.60 37.23
C ALA A 173 -6.71 -14.95 37.55
N GLU A 174 -6.88 -16.09 38.22
CA GLU A 174 -8.19 -16.58 38.57
C GLU A 174 -8.90 -15.56 39.44
N ARG A 175 -8.22 -15.08 40.48
CA ARG A 175 -8.82 -14.11 41.38
C ARG A 175 -8.87 -12.71 40.74
N LYS A 176 -8.08 -12.51 39.70
CA LYS A 176 -8.05 -11.22 39.00
C LYS A 176 -9.23 -11.14 38.03
N LEU A 177 -9.72 -12.32 37.64
CA LEU A 177 -10.85 -12.39 36.72
C LEU A 177 -12.14 -12.36 37.53
N TYR A 178 -12.10 -12.87 38.75
CA TYR A 178 -13.29 -12.86 39.60
C TYR A 178 -13.46 -11.49 40.25
N SER A 179 -12.49 -10.61 40.04
CA SER A 179 -12.49 -9.27 40.62
C SER A 179 -13.09 -8.11 39.85
N GLY A 180 -14.34 -8.23 39.45
CA GLY A 180 -14.95 -7.13 38.73
C GLY A 180 -16.06 -7.60 37.85
N ALA A 181 -16.09 -7.08 36.64
CA ALA A 181 -17.12 -7.46 35.70
C ALA A 181 -16.91 -8.90 35.22
N GLN A 182 -17.55 -9.84 35.91
CA GLN A 182 -17.45 -11.26 35.57
C GLN A 182 -18.36 -11.56 34.37
N THR A 183 -17.97 -10.95 33.25
CA THR A 183 -18.68 -11.05 31.99
C THR A 183 -18.09 -12.12 31.07
N ASP A 184 -18.96 -12.80 30.33
CA ASP A 184 -18.53 -13.87 29.41
C ASP A 184 -17.50 -13.37 28.38
N GLY A 185 -16.29 -13.92 28.41
CA GLY A 185 -15.30 -13.52 27.43
C GLY A 185 -14.14 -12.71 27.97
N LYS A 186 -14.22 -12.32 29.24
CA LYS A 186 -13.14 -11.56 29.90
C LYS A 186 -11.93 -12.49 29.86
N PHE A 187 -10.79 -11.97 29.44
CA PHE A 187 -9.64 -12.83 29.32
C PHE A 187 -8.34 -12.07 29.49
N LEU A 188 -7.27 -12.84 29.67
CA LEU A 188 -5.93 -12.33 29.80
C LEU A 188 -4.98 -13.47 29.40
N LEU A 189 -3.71 -13.14 29.25
CA LEU A 189 -2.70 -14.15 28.92
C LEU A 189 -1.57 -13.98 29.92
N ARG A 190 -0.99 -15.11 30.30
CA ARG A 190 0.12 -15.11 31.23
C ARG A 190 1.06 -16.18 30.73
N PRO A 191 2.36 -15.92 30.83
CA PRO A 191 3.31 -16.92 30.37
C PRO A 191 3.49 -18.00 31.43
N ARG A 192 3.48 -19.26 31.02
CA ARG A 192 3.67 -20.37 31.97
C ARG A 192 5.18 -20.57 32.06
N LYS A 193 5.61 -21.44 32.97
CA LYS A 193 7.04 -21.67 33.15
C LYS A 193 7.78 -22.19 31.92
N GLU A 194 7.28 -23.26 31.29
CA GLU A 194 7.95 -23.80 30.10
C GLU A 194 8.26 -22.70 29.08
N GLN A 195 9.48 -22.70 28.54
CA GLN A 195 9.85 -21.70 27.54
C GLN A 195 8.79 -21.77 26.45
N GLY A 196 8.39 -20.60 25.95
CA GLY A 196 7.40 -20.56 24.88
C GLY A 196 6.05 -21.16 25.21
N THR A 197 5.60 -20.97 26.45
CA THR A 197 4.29 -21.47 26.84
C THR A 197 3.59 -20.42 27.71
N TYR A 198 2.33 -20.19 27.37
CA TYR A 198 1.53 -19.24 28.10
C TYR A 198 0.16 -19.88 28.25
N ALA A 199 -0.67 -19.25 29.06
CA ALA A 199 -2.02 -19.74 29.31
C ALA A 199 -3.03 -18.65 28.99
N LEU A 200 -4.15 -19.06 28.40
CA LEU A 200 -5.24 -18.15 28.08
C LEU A 200 -6.23 -18.40 29.22
N SER A 201 -6.50 -17.37 30.02
CA SER A 201 -7.43 -17.53 31.12
C SER A 201 -8.65 -16.66 30.84
N LEU A 202 -9.83 -17.26 30.77
CA LEU A 202 -11.02 -16.46 30.46
C LEU A 202 -12.25 -16.82 31.26
N ILE A 203 -13.17 -15.88 31.32
CA ILE A 203 -14.41 -16.05 32.06
C ILE A 203 -15.57 -16.44 31.14
N TYR A 204 -16.35 -17.40 31.61
CA TYR A 204 -17.56 -17.86 30.93
C TYR A 204 -18.46 -18.41 32.01
N GLY A 205 -19.75 -18.04 31.96
CA GLY A 205 -20.69 -18.50 32.97
C GLY A 205 -20.16 -18.30 34.38
N LYS A 206 -19.56 -17.14 34.65
CA LYS A 206 -19.03 -16.83 35.98
C LYS A 206 -17.92 -17.77 36.41
N THR A 207 -17.37 -18.53 35.47
CA THR A 207 -16.29 -19.44 35.80
C THR A 207 -15.04 -19.25 34.93
N VAL A 208 -13.86 -19.32 35.56
CA VAL A 208 -12.59 -19.15 34.85
C VAL A 208 -12.13 -20.42 34.15
N TYR A 209 -11.67 -20.27 32.93
CA TYR A 209 -11.18 -21.40 32.16
C TYR A 209 -9.74 -21.14 31.74
N HIS A 210 -8.97 -22.21 31.64
CA HIS A 210 -7.56 -22.09 31.28
C HIS A 210 -7.24 -22.89 30.02
N TYR A 211 -6.53 -22.26 29.09
CA TYR A 211 -6.15 -22.92 27.87
C TYR A 211 -4.66 -22.76 27.60
N LEU A 212 -3.95 -23.88 27.61
CA LEU A 212 -2.51 -23.87 27.37
C LEU A 212 -2.24 -23.38 25.96
N ILE A 213 -1.22 -22.55 25.83
CA ILE A 213 -0.80 -22.07 24.54
C ILE A 213 0.64 -22.56 24.41
N SER A 214 0.83 -23.50 23.51
CA SER A 214 2.14 -24.10 23.30
C SER A 214 2.82 -23.47 22.10
N GLN A 215 4.14 -23.45 22.17
CA GLN A 215 4.95 -22.90 21.09
C GLN A 215 5.80 -24.06 20.60
N ASP A 216 5.75 -24.30 19.29
CA ASP A 216 6.51 -25.39 18.72
C ASP A 216 7.92 -24.99 18.27
N LYS A 217 8.55 -25.90 17.51
CA LYS A 217 9.90 -25.68 17.02
C LYS A 217 9.96 -24.50 16.08
N ALA A 218 8.96 -24.38 15.22
CA ALA A 218 8.90 -23.27 14.27
C ALA A 218 8.61 -21.97 15.02
N GLY A 219 8.34 -22.07 16.32
CA GLY A 219 8.04 -20.89 17.10
C GLY A 219 6.56 -20.52 17.06
N LYS A 220 5.85 -20.97 16.04
CA LYS A 220 4.43 -20.70 15.89
C LYS A 220 3.60 -21.03 17.15
N TYR A 221 2.74 -20.09 17.57
CA TYR A 221 1.90 -20.30 18.76
C TYR A 221 0.72 -21.17 18.45
N CYS A 222 0.45 -22.13 19.33
CA CYS A 222 -0.62 -23.10 19.14
C CYS A 222 -1.71 -23.12 20.21
N ILE A 223 -2.92 -23.35 19.75
CA ILE A 223 -4.09 -23.45 20.59
C ILE A 223 -4.37 -24.94 20.74
N PRO A 224 -4.87 -25.39 21.89
CA PRO A 224 -5.15 -26.82 22.08
C PRO A 224 -5.76 -27.44 20.84
N GLU A 225 -6.52 -26.63 20.12
CA GLU A 225 -7.21 -27.07 18.91
C GLU A 225 -6.32 -27.43 17.72
N GLY A 226 -5.18 -26.75 17.57
CA GLY A 226 -4.30 -27.08 16.46
C GLY A 226 -3.84 -25.93 15.58
N THR A 227 -4.68 -24.91 15.44
CA THR A 227 -4.34 -23.77 14.61
C THR A 227 -3.10 -23.06 15.17
N LYS A 228 -2.24 -22.60 14.26
CA LYS A 228 -0.98 -21.93 14.60
C LYS A 228 -0.93 -20.47 14.12
N PHE A 229 -0.25 -19.62 14.89
CA PHE A 229 -0.12 -18.21 14.56
C PHE A 229 1.32 -17.74 14.73
N ASP A 230 1.66 -16.63 14.10
CA ASP A 230 3.02 -16.11 14.19
C ASP A 230 3.27 -15.35 15.50
N THR A 231 2.20 -14.77 16.06
CA THR A 231 2.30 -14.03 17.33
C THR A 231 1.00 -14.22 18.11
N LEU A 232 1.06 -13.93 19.41
CA LEU A 232 -0.10 -14.06 20.26
C LEU A 232 -1.26 -13.17 19.83
N TRP A 233 -0.94 -11.93 19.49
CA TRP A 233 -1.93 -10.94 19.09
C TRP A 233 -2.87 -11.44 17.99
N GLN A 234 -2.28 -12.10 17.00
CA GLN A 234 -3.06 -12.63 15.89
C GLN A 234 -3.96 -13.73 16.42
N LEU A 235 -3.37 -14.56 17.27
CA LEU A 235 -4.06 -15.68 17.89
C LEU A 235 -5.24 -15.11 18.68
N VAL A 236 -4.97 -14.04 19.43
CA VAL A 236 -6.01 -13.40 20.22
C VAL A 236 -7.11 -12.83 19.33
N GLU A 237 -6.76 -12.11 18.27
CA GLU A 237 -7.78 -11.55 17.42
C GLU A 237 -8.54 -12.67 16.73
N TYR A 238 -7.82 -13.75 16.43
CA TYR A 238 -8.46 -14.88 15.78
C TYR A 238 -9.52 -15.44 16.71
N LEU A 239 -9.17 -15.69 17.97
CA LEU A 239 -10.13 -16.23 18.92
C LEU A 239 -11.26 -15.25 19.22
N LYS A 240 -11.04 -14.00 18.82
CA LYS A 240 -12.01 -12.94 19.00
C LYS A 240 -13.21 -13.19 18.05
N LEU A 241 -12.94 -13.84 16.91
CA LEU A 241 -13.97 -14.16 15.91
C LEU A 241 -14.38 -15.63 15.92
N LYS A 242 -13.41 -16.52 15.72
CA LYS A 242 -13.67 -17.95 15.71
C LYS A 242 -13.20 -18.50 17.06
N ALA A 243 -14.05 -19.26 17.73
CA ALA A 243 -13.66 -19.80 19.04
C ALA A 243 -13.55 -21.30 19.08
N ASP A 244 -12.71 -21.87 18.23
CA ASP A 244 -12.53 -23.31 18.20
C ASP A 244 -11.80 -23.76 19.48
N GLY A 245 -12.36 -24.78 20.15
CA GLY A 245 -11.75 -25.28 21.37
C GLY A 245 -12.03 -24.42 22.58
N LEU A 246 -12.52 -23.21 22.35
CA LEU A 246 -12.84 -22.33 23.45
C LEU A 246 -14.31 -22.49 23.81
N ILE A 247 -14.59 -22.43 25.10
CA ILE A 247 -15.95 -22.57 25.57
C ILE A 247 -16.71 -21.33 25.16
N TYR A 248 -15.98 -20.26 24.85
CA TYR A 248 -16.62 -19.00 24.46
C TYR A 248 -15.64 -18.05 23.76
N CYS A 249 -16.17 -17.27 22.81
CA CYS A 249 -15.35 -16.34 22.06
C CYS A 249 -14.70 -15.34 23.00
N LEU A 250 -13.51 -14.87 22.64
CA LEU A 250 -12.84 -13.88 23.46
C LEU A 250 -13.53 -12.53 23.30
N LYS A 251 -13.66 -11.81 24.40
CA LYS A 251 -14.32 -10.52 24.37
C LYS A 251 -13.48 -9.37 24.88
N GLU A 252 -13.79 -8.94 26.10
CA GLU A 252 -13.11 -7.84 26.74
C GLU A 252 -11.85 -8.29 27.47
N ALA A 253 -10.85 -7.43 27.48
CA ALA A 253 -9.59 -7.71 28.12
C ALA A 253 -9.56 -7.33 29.60
N CYS A 254 -8.80 -8.11 30.36
CA CYS A 254 -8.63 -7.86 31.78
C CYS A 254 -7.27 -7.14 31.77
N PRO A 255 -7.28 -5.79 31.86
CA PRO A 255 -6.10 -4.94 31.84
C PRO A 255 -5.19 -4.98 33.06
N ASN A 256 -4.16 -4.13 33.04
CA ASN A 256 -3.18 -4.04 34.11
C ASN A 256 -2.62 -2.63 34.29
N MET A 310 12.88 5.38 11.79
CA MET A 310 13.01 4.08 11.14
C MET A 310 12.34 4.14 9.75
N ASP A 311 11.20 3.47 9.55
CA ASP A 311 10.49 3.57 8.27
C ASP A 311 9.41 4.64 8.46
N THR A 312 9.65 5.85 7.94
CA THR A 312 8.66 6.92 8.08
C THR A 312 7.38 6.52 7.35
N SER A 313 6.26 6.44 8.07
CA SER A 313 5.00 6.08 7.42
C SER A 313 4.41 7.39 6.95
N VAL A 314 3.38 7.29 6.14
CA VAL A 314 2.72 8.46 5.58
C VAL A 314 1.85 9.32 6.52
N PHE A 315 1.47 8.80 7.69
CA PHE A 315 0.62 9.57 8.57
C PHE A 315 1.26 10.31 9.71
N GLU A 316 2.40 10.93 9.43
CA GLU A 316 3.05 11.81 10.40
C GLU A 316 3.08 13.12 9.63
N SER A 317 2.70 14.20 10.31
CA SER A 317 2.63 15.52 9.70
C SER A 317 1.40 15.51 8.84
N PRO A 318 0.99 16.67 8.31
CA PRO A 318 -0.18 16.82 7.46
C PRO A 318 -0.41 15.92 6.23
N PHE A 319 -1.03 14.76 6.54
CA PHE A 319 -1.45 13.68 5.64
C PHE A 319 -2.96 13.96 5.54
N SER A 320 -3.49 14.46 6.65
CA SER A 320 -4.90 14.82 6.76
C SER A 320 -5.00 16.30 6.42
N ASP A 321 -6.17 16.71 5.94
CA ASP A 321 -6.42 18.10 5.56
C ASP A 321 -6.11 19.04 6.73
N PRO A 322 -5.76 20.30 6.46
CA PRO A 322 -5.46 21.27 7.52
C PRO A 322 -6.73 21.62 8.29
N GLU A 323 -7.87 21.39 7.66
CA GLU A 323 -9.16 21.68 8.28
C GLU A 323 -9.69 20.48 9.11
N GLU A 324 -9.65 20.62 10.43
CA GLU A 324 -10.17 19.62 11.37
C GLU A 324 -11.02 20.44 12.37
N LEU A 325 -11.86 21.31 11.81
CA LEU A 325 -12.77 22.25 12.50
C LEU A 325 -12.61 23.51 11.64
N LYS A 326 -13.58 23.77 10.79
CA LYS A 326 -13.42 24.89 9.87
C LYS A 326 -14.33 26.12 9.84
N ASP A 327 -13.91 26.98 8.93
CA ASP A 327 -14.48 28.28 8.60
C ASP A 327 -13.38 28.82 7.67
N LYS A 328 -13.14 28.07 6.60
CA LYS A 328 -12.12 28.37 5.60
C LYS A 328 -12.65 29.09 4.35
N LYS A 329 -12.08 30.25 4.05
CA LYS A 329 -12.48 31.02 2.87
C LYS A 329 -11.42 30.86 1.78
N LEU A 330 -11.77 31.18 0.54
CA LEU A 330 -10.83 31.04 -0.57
C LEU A 330 -9.69 32.03 -0.44
N PHE A 331 -10.03 33.26 -0.09
CA PHE A 331 -9.04 34.33 0.06
C PHE A 331 -8.56 34.46 1.50
N LEU A 332 -7.24 34.46 1.68
CA LEU A 332 -6.65 34.58 3.00
C LEU A 332 -6.17 36.01 3.27
N LYS A 333 -5.92 36.33 4.53
CA LYS A 333 -5.44 37.65 4.89
C LYS A 333 -3.93 37.60 4.83
N ARG A 334 -3.34 38.52 4.09
CA ARG A 334 -1.89 38.61 3.93
C ARG A 334 -1.18 38.78 5.27
N ASP A 335 -1.92 39.16 6.31
CA ASP A 335 -1.31 39.35 7.63
C ASP A 335 -1.24 38.05 8.42
N ASN A 336 -1.87 37.00 7.93
CA ASN A 336 -1.82 35.71 8.59
C ASN A 336 -0.75 34.87 7.90
N LEU A 337 -0.19 35.42 6.84
CA LEU A 337 0.84 34.75 6.05
C LEU A 337 2.24 35.33 6.26
N LEU A 338 3.16 34.45 6.65
CA LEU A 338 4.55 34.84 6.89
C LEU A 338 5.35 34.28 5.73
N ILE A 339 5.91 35.15 4.90
CA ILE A 339 6.65 34.69 3.74
C ILE A 339 8.15 34.95 3.82
N ALA A 340 8.92 33.98 3.36
CA ALA A 340 10.38 34.09 3.34
C ALA A 340 10.75 34.63 1.96
N ASP A 341 11.93 35.25 1.85
CA ASP A 341 12.38 35.79 0.57
C ASP A 341 13.37 34.78 -0.01
N ILE A 342 13.30 33.56 0.49
CA ILE A 342 14.20 32.50 0.08
C ILE A 342 13.44 31.39 -0.68
N GLU A 343 13.86 31.16 -1.91
CA GLU A 343 13.24 30.17 -2.80
C GLU A 343 13.40 28.70 -2.44
N LEU A 344 12.53 27.88 -3.01
CA LEU A 344 12.56 26.43 -2.84
C LEU A 344 12.64 25.91 -4.26
N GLY A 345 13.00 26.79 -5.18
CA GLY A 345 13.09 26.42 -6.57
C GLY A 345 12.02 27.24 -7.28
N CYS A 346 11.94 27.10 -8.61
CA CYS A 346 10.93 27.81 -9.39
C CYS A 346 10.68 27.05 -10.69
N GLY A 347 9.70 27.51 -11.46
CA GLY A 347 9.40 26.83 -12.71
C GLY A 347 8.67 27.71 -13.70
N ASN A 348 8.05 27.08 -14.70
CA ASN A 348 7.31 27.82 -15.72
C ASN A 348 6.53 28.97 -15.09
N PHE A 349 5.55 28.64 -14.26
CA PHE A 349 4.76 29.68 -13.60
C PHE A 349 5.66 30.47 -12.65
N GLY A 350 5.09 31.01 -11.58
CA GLY A 350 5.88 31.77 -10.63
C GLY A 350 7.05 31.05 -9.96
N SER A 351 7.37 31.49 -8.75
CA SER A 351 8.45 30.90 -7.95
C SER A 351 7.83 30.32 -6.70
N VAL A 352 8.56 29.42 -6.04
CA VAL A 352 8.04 28.81 -4.84
C VAL A 352 8.86 29.22 -3.64
N ARG A 353 8.16 29.79 -2.66
CA ARG A 353 8.77 30.25 -1.43
C ARG A 353 8.09 29.58 -0.29
N GLN A 354 8.85 29.37 0.78
CA GLN A 354 8.30 28.75 1.98
C GLN A 354 7.76 29.86 2.87
N GLY A 355 6.92 29.48 3.83
CA GLY A 355 6.34 30.43 4.75
C GLY A 355 5.39 29.73 5.69
N VAL A 356 4.87 30.45 6.69
CA VAL A 356 3.92 29.84 7.62
C VAL A 356 2.60 30.60 7.57
N TYR A 357 1.53 29.89 7.92
CA TYR A 357 0.20 30.46 7.92
C TYR A 357 -0.44 30.24 9.29
N ARG A 358 -0.88 31.33 9.90
CA ARG A 358 -1.50 31.26 11.20
C ARG A 358 -3.00 31.16 11.04
N MET A 359 -3.61 30.28 11.83
CA MET A 359 -5.05 30.06 11.81
C MET A 359 -5.65 30.31 13.20
N ARG A 360 -6.97 30.24 13.32
CA ARG A 360 -7.60 30.50 14.60
C ARG A 360 -6.96 29.74 15.76
N LYS A 361 -6.55 28.50 15.52
CA LYS A 361 -5.94 27.69 16.57
C LYS A 361 -4.58 27.09 16.25
N LYS A 362 -4.16 27.16 14.99
CA LYS A 362 -2.89 26.54 14.64
C LYS A 362 -2.04 27.35 13.66
N GLN A 363 -0.75 27.08 13.67
CA GLN A 363 0.20 27.74 12.79
C GLN A 363 0.81 26.63 11.94
N ILE A 364 0.43 26.58 10.67
CA ILE A 364 0.94 25.52 9.80
C ILE A 364 2.01 26.00 8.83
N ASP A 365 2.77 25.05 8.28
CA ASP A 365 3.80 25.44 7.33
C ASP A 365 3.28 25.31 5.91
N VAL A 366 3.51 26.34 5.12
CA VAL A 366 3.03 26.37 3.75
C VAL A 366 4.11 26.59 2.71
N ALA A 367 3.66 26.56 1.47
CA ALA A 367 4.52 26.79 0.33
C ALA A 367 3.75 27.81 -0.50
N ILE A 368 4.39 28.94 -0.78
CA ILE A 368 3.71 29.96 -1.57
C ILE A 368 4.26 30.02 -2.98
N LYS A 369 3.41 29.75 -3.96
CA LYS A 369 3.86 29.84 -5.32
C LYS A 369 3.52 31.27 -5.69
N VAL A 370 4.49 32.16 -5.47
CA VAL A 370 4.34 33.57 -5.77
C VAL A 370 4.00 33.70 -7.24
N LEU A 371 3.27 34.76 -7.58
CA LEU A 371 2.87 34.98 -8.96
C LEU A 371 2.16 33.75 -9.50
N LYS A 372 0.84 33.81 -9.58
CA LYS A 372 0.09 32.70 -10.16
C LYS A 372 0.23 33.02 -11.66
N GLN A 373 0.12 34.31 -11.97
CA GLN A 373 0.22 34.85 -13.32
C GLN A 373 -0.41 36.26 -13.34
N GLY A 374 -1.54 36.38 -12.65
CA GLY A 374 -2.30 37.64 -12.56
C GLY A 374 -3.09 37.87 -13.85
N THR A 375 -4.31 38.38 -13.74
CA THR A 375 -5.14 38.61 -14.94
C THR A 375 -5.28 40.07 -15.34
N GLU A 376 -5.54 40.28 -16.62
CA GLU A 376 -5.71 41.60 -17.17
C GLU A 376 -7.04 41.69 -17.91
N LYS A 377 -8.12 41.86 -17.15
CA LYS A 377 -9.50 41.97 -17.65
C LYS A 377 -10.40 41.35 -16.59
N ALA A 378 -11.69 41.24 -16.89
CA ALA A 378 -12.63 40.67 -15.94
C ALA A 378 -12.51 39.14 -15.91
N ASP A 379 -11.41 38.62 -16.45
CA ASP A 379 -11.15 37.18 -16.47
C ASP A 379 -10.43 36.70 -15.21
N THR A 380 -10.39 37.55 -14.19
CA THR A 380 -9.78 37.21 -12.91
C THR A 380 -10.86 36.42 -12.17
N GLU A 381 -12.03 36.37 -12.79
CA GLU A 381 -13.17 35.66 -12.23
C GLU A 381 -13.07 34.20 -12.61
N GLU A 382 -12.70 33.95 -13.87
CA GLU A 382 -12.53 32.59 -14.38
C GLU A 382 -11.47 31.85 -13.57
N MET A 383 -10.35 32.51 -13.33
CA MET A 383 -9.27 31.91 -12.54
C MET A 383 -9.91 31.54 -11.22
N MET A 384 -10.53 32.52 -10.58
CA MET A 384 -11.17 32.31 -9.30
C MET A 384 -12.19 31.16 -9.33
N ARG A 385 -12.71 30.87 -10.52
CA ARG A 385 -13.67 29.77 -10.65
C ARG A 385 -12.94 28.46 -10.35
N GLU A 386 -11.83 28.24 -11.06
CA GLU A 386 -11.03 27.05 -10.88
C GLU A 386 -10.61 26.92 -9.41
N ALA A 387 -9.93 27.95 -8.92
CA ALA A 387 -9.45 27.98 -7.54
C ALA A 387 -10.54 27.53 -6.58
N GLN A 388 -11.77 27.94 -6.86
CA GLN A 388 -12.90 27.61 -6.03
C GLN A 388 -13.08 26.09 -5.97
N ILE A 389 -12.89 25.45 -7.13
CA ILE A 389 -13.03 24.01 -7.25
C ILE A 389 -11.88 23.27 -6.56
N MET A 390 -10.67 23.74 -6.81
CA MET A 390 -9.47 23.15 -6.25
C MET A 390 -9.52 23.27 -4.75
N HIS A 391 -10.14 24.33 -4.29
CA HIS A 391 -10.24 24.54 -2.86
C HIS A 391 -11.00 23.39 -2.20
N GLN A 392 -11.82 22.71 -3.00
CA GLN A 392 -12.62 21.60 -2.50
C GLN A 392 -11.86 20.27 -2.45
N LEU A 393 -11.02 20.02 -3.47
CA LEU A 393 -10.25 18.80 -3.55
C LEU A 393 -9.48 18.51 -2.26
N ASP A 394 -9.76 17.35 -1.66
CA ASP A 394 -9.10 16.93 -0.44
C ASP A 394 -8.73 15.45 -0.54
N ASN A 395 -7.44 15.16 -0.44
CA ASN A 395 -6.94 13.80 -0.53
C ASN A 395 -5.49 13.82 -0.09
N PRO A 396 -5.08 12.86 0.75
CA PRO A 396 -3.71 12.78 1.25
C PRO A 396 -2.66 12.81 0.16
N TYR A 397 -2.91 12.09 -0.94
CA TYR A 397 -1.93 12.04 -2.01
C TYR A 397 -1.93 13.19 -2.99
N ILE A 398 -2.45 14.33 -2.58
CA ILE A 398 -2.49 15.51 -3.43
C ILE A 398 -2.02 16.72 -2.64
N VAL A 399 -1.39 17.69 -3.31
CA VAL A 399 -0.94 18.90 -2.59
C VAL A 399 -2.16 19.80 -2.48
N ARG A 400 -2.73 19.87 -1.29
CA ARG A 400 -3.94 20.67 -1.07
C ARG A 400 -3.73 22.17 -1.12
N LEU A 401 -4.76 22.87 -1.57
CA LEU A 401 -4.70 24.32 -1.66
C LEU A 401 -5.29 24.87 -0.36
N ILE A 402 -4.48 25.60 0.40
CA ILE A 402 -4.97 26.18 1.63
C ILE A 402 -5.78 27.42 1.28
N GLY A 403 -5.29 28.21 0.34
CA GLY A 403 -6.01 29.40 -0.03
C GLY A 403 -5.18 30.30 -0.88
N VAL A 404 -5.81 31.35 -1.40
CA VAL A 404 -5.10 32.30 -2.24
C VAL A 404 -5.05 33.61 -1.48
N CYS A 405 -4.05 34.42 -1.81
CA CYS A 405 -3.89 35.70 -1.16
C CYS A 405 -3.41 36.69 -2.18
N GLN A 406 -4.05 37.85 -2.23
CA GLN A 406 -3.62 38.88 -3.17
C GLN A 406 -3.16 40.11 -2.40
N ALA A 407 -1.85 40.34 -2.42
CA ALA A 407 -1.22 41.46 -1.75
C ALA A 407 -0.26 42.08 -2.74
N GLU A 408 1.03 42.06 -2.44
CA GLU A 408 2.01 42.63 -3.36
C GLU A 408 1.99 41.83 -4.66
N ALA A 409 1.34 40.65 -4.60
CA ALA A 409 1.21 39.80 -5.77
C ALA A 409 0.09 38.78 -5.57
N LEU A 410 -0.23 38.03 -6.61
CA LEU A 410 -1.28 37.01 -6.53
C LEU A 410 -0.61 35.71 -6.13
N MET A 411 -0.64 35.39 -4.85
CA MET A 411 -0.01 34.21 -4.35
C MET A 411 -0.93 33.02 -4.17
N LEU A 412 -0.37 31.84 -4.37
CA LEU A 412 -1.06 30.57 -4.25
C LEU A 412 -0.44 29.88 -3.04
N VAL A 413 -1.26 29.60 -2.03
CA VAL A 413 -0.75 28.96 -0.82
C VAL A 413 -1.15 27.49 -0.76
N MET A 414 -0.15 26.62 -0.67
CA MET A 414 -0.34 25.17 -0.64
C MET A 414 0.37 24.46 0.51
N GLU A 415 0.07 23.18 0.65
CA GLU A 415 0.69 22.38 1.70
C GLU A 415 2.18 22.23 1.43
N MET A 416 2.97 22.20 2.49
CA MET A 416 4.41 22.05 2.37
C MET A 416 4.80 20.61 2.01
N ALA A 417 5.57 20.46 0.95
CA ALA A 417 6.05 19.16 0.50
C ALA A 417 7.51 19.39 0.09
N GLY A 418 8.37 19.51 1.10
CA GLY A 418 9.78 19.78 0.89
C GLY A 418 10.72 18.72 0.38
N GLY A 419 10.24 17.50 0.18
CA GLY A 419 11.13 16.45 -0.30
C GLY A 419 11.64 16.65 -1.72
N GLY A 420 11.07 17.59 -2.46
CA GLY A 420 11.50 17.82 -3.84
C GLY A 420 10.83 16.90 -4.85
N PRO A 421 11.02 17.14 -6.16
CA PRO A 421 10.43 16.34 -7.25
C PRO A 421 10.86 14.88 -7.23
N LEU A 422 9.97 13.98 -7.64
CA LEU A 422 10.27 12.55 -7.69
C LEU A 422 11.45 12.23 -8.59
N HIS A 423 11.63 12.97 -9.67
CA HIS A 423 12.74 12.66 -10.57
C HIS A 423 14.10 13.09 -10.05
N LYS A 424 14.14 14.16 -9.26
CA LYS A 424 15.42 14.60 -8.72
C LYS A 424 15.81 13.68 -7.58
N PHE A 425 14.83 13.22 -6.84
CA PHE A 425 15.08 12.33 -5.72
C PHE A 425 15.56 10.93 -6.14
N LEU A 426 15.32 10.54 -7.38
CA LEU A 426 15.72 9.21 -7.81
C LEU A 426 17.01 9.10 -8.63
N VAL A 427 17.48 10.22 -9.18
CA VAL A 427 18.69 10.23 -9.98
C VAL A 427 19.88 9.57 -9.29
N GLY A 428 20.50 8.62 -9.98
CA GLY A 428 21.65 7.95 -9.42
C GLY A 428 21.44 7.13 -8.15
N LYS A 429 20.19 6.97 -7.72
CA LYS A 429 19.94 6.21 -6.51
C LYS A 429 19.41 4.81 -6.76
N ARG A 430 19.59 4.31 -7.98
CA ARG A 430 19.11 2.97 -8.31
C ARG A 430 19.61 1.92 -7.33
N GLU A 431 20.70 2.21 -6.64
CA GLU A 431 21.27 1.28 -5.68
C GLU A 431 20.75 1.60 -4.26
N GLU A 432 20.25 2.82 -4.08
CA GLU A 432 19.75 3.29 -2.79
C GLU A 432 18.25 2.98 -2.58
N ILE A 433 17.41 3.57 -3.43
CA ILE A 433 15.97 3.38 -3.34
C ILE A 433 15.50 2.13 -4.10
N PRO A 434 15.07 1.10 -3.36
CA PRO A 434 14.59 -0.15 -3.97
C PRO A 434 13.38 0.07 -4.86
N VAL A 435 13.18 -0.84 -5.81
CA VAL A 435 12.04 -0.75 -6.73
C VAL A 435 10.72 -0.84 -6.00
N SER A 436 10.63 -1.67 -4.98
CA SER A 436 9.37 -1.76 -4.27
C SER A 436 9.01 -0.39 -3.71
N ASN A 437 10.02 0.40 -3.38
CA ASN A 437 9.82 1.74 -2.82
C ASN A 437 9.31 2.75 -3.85
N VAL A 438 9.74 2.58 -5.09
CA VAL A 438 9.32 3.44 -6.17
C VAL A 438 7.90 3.03 -6.56
N ALA A 439 7.64 1.73 -6.53
CA ALA A 439 6.31 1.23 -6.87
C ALA A 439 5.32 1.85 -5.91
N GLU A 440 5.69 1.91 -4.64
CA GLU A 440 4.85 2.50 -3.60
C GLU A 440 4.46 3.93 -3.96
N LEU A 441 5.44 4.70 -4.43
CA LEU A 441 5.15 6.07 -4.76
C LEU A 441 4.24 6.13 -5.98
N LEU A 442 4.57 5.37 -7.02
CA LEU A 442 3.71 5.38 -8.20
C LEU A 442 2.30 4.96 -7.79
N HIS A 443 2.18 4.09 -6.80
CA HIS A 443 0.84 3.72 -6.40
C HIS A 443 0.16 4.91 -5.72
N GLN A 444 0.89 5.63 -4.84
CA GLN A 444 0.28 6.77 -4.19
C GLN A 444 -0.10 7.78 -5.25
N VAL A 445 0.70 7.84 -6.31
CA VAL A 445 0.40 8.80 -7.37
C VAL A 445 -0.91 8.46 -8.09
N SER A 446 -1.28 7.19 -8.15
CA SER A 446 -2.53 6.84 -8.82
C SER A 446 -3.73 6.99 -7.88
N MET A 447 -3.47 6.95 -6.57
CA MET A 447 -4.55 7.10 -5.62
C MET A 447 -5.10 8.51 -5.68
N GLY A 448 -4.20 9.48 -5.85
CA GLY A 448 -4.62 10.86 -5.95
C GLY A 448 -5.21 11.08 -7.32
N MET A 449 -4.63 10.43 -8.33
CA MET A 449 -5.17 10.58 -9.68
C MET A 449 -6.54 9.95 -9.82
N LYS A 450 -6.77 8.81 -9.17
CA LYS A 450 -8.10 8.21 -9.25
C LYS A 450 -9.08 9.13 -8.55
N TYR A 451 -8.62 9.80 -7.48
CA TYR A 451 -9.46 10.74 -6.73
C TYR A 451 -9.84 11.91 -7.63
N LEU A 452 -8.81 12.55 -8.18
CA LEU A 452 -8.98 13.69 -9.05
C LEU A 452 -9.87 13.36 -10.26
N GLU A 453 -9.84 12.11 -10.71
CA GLU A 453 -10.65 11.72 -11.87
C GLU A 453 -12.12 11.57 -11.51
N GLU A 454 -12.40 10.97 -10.36
CA GLU A 454 -13.78 10.80 -9.95
C GLU A 454 -14.36 12.14 -9.54
N LYS A 455 -13.49 13.10 -9.29
CA LYS A 455 -13.91 14.45 -8.92
C LYS A 455 -14.04 15.28 -10.19
N ASN A 456 -13.99 14.59 -11.33
CA ASN A 456 -14.09 15.20 -12.66
C ASN A 456 -13.19 16.43 -12.83
N PHE A 457 -11.96 16.28 -12.35
CA PHE A 457 -10.96 17.35 -12.39
C PHE A 457 -9.74 16.87 -13.15
N VAL A 458 -9.55 17.37 -14.35
CA VAL A 458 -8.41 16.96 -15.16
C VAL A 458 -7.14 17.65 -14.67
N HIS A 459 -6.00 16.96 -14.77
CA HIS A 459 -4.72 17.50 -14.32
C HIS A 459 -4.03 18.32 -15.38
N ARG A 460 -3.78 17.70 -16.51
CA ARG A 460 -3.10 18.36 -17.64
C ARG A 460 -1.58 18.42 -17.53
N ASN A 461 -1.02 18.28 -16.33
CA ASN A 461 0.44 18.34 -16.18
C ASN A 461 1.06 17.25 -15.34
N LEU A 462 0.42 16.05 -15.32
CA LEU A 462 1.05 14.98 -14.55
C LEU A 462 2.47 14.72 -15.04
N ALA A 463 3.42 14.68 -14.16
CA ALA A 463 4.80 14.46 -14.53
C ALA A 463 5.62 14.37 -13.25
N ALA A 464 6.80 13.75 -13.33
CA ALA A 464 7.68 13.61 -12.18
C ALA A 464 7.93 14.98 -11.55
N ARG A 465 8.35 15.94 -12.37
CA ARG A 465 8.63 17.27 -11.86
C ARG A 465 7.47 17.76 -10.97
N ASN A 466 6.28 17.20 -11.16
CA ASN A 466 5.11 17.58 -10.38
C ASN A 466 4.68 16.62 -9.28
N VAL A 467 5.49 15.58 -9.05
CA VAL A 467 5.17 14.66 -7.97
C VAL A 467 6.13 15.11 -6.90
N LEU A 468 5.59 15.66 -5.82
CA LEU A 468 6.41 16.15 -4.72
C LEU A 468 6.46 15.16 -3.54
N LEU A 469 7.63 15.01 -2.93
CA LEU A 469 7.80 14.08 -1.82
C LEU A 469 7.77 14.71 -0.44
N VAL A 470 6.99 14.14 0.46
CA VAL A 470 6.99 14.64 1.83
C VAL A 470 8.16 13.90 2.47
N ASN A 471 8.25 12.59 2.19
CA ASN A 471 9.33 11.75 2.70
C ASN A 471 9.58 10.56 1.77
N ARG A 472 10.49 9.65 2.15
CA ARG A 472 10.80 8.45 1.35
C ARG A 472 9.58 7.66 0.88
N HIS A 473 8.55 7.57 1.72
CA HIS A 473 7.39 6.79 1.32
C HIS A 473 6.10 7.60 1.22
N TYR A 474 6.21 8.87 0.87
CA TYR A 474 5.01 9.70 0.75
C TYR A 474 5.13 10.73 -0.37
N ALA A 475 4.38 10.49 -1.42
CA ALA A 475 4.42 11.40 -2.55
C ALA A 475 3.10 12.17 -2.70
N LYS A 476 3.18 13.40 -3.18
CA LYS A 476 1.96 14.19 -3.41
C LYS A 476 2.00 14.72 -4.82
N ILE A 477 0.83 14.83 -5.43
CA ILE A 477 0.73 15.37 -6.77
C ILE A 477 0.47 16.87 -6.61
N SER A 478 1.12 17.67 -7.44
CA SER A 478 0.96 19.10 -7.34
C SER A 478 0.58 19.75 -8.64
N ASP A 479 0.42 21.07 -8.56
CA ASP A 479 0.08 21.91 -9.70
C ASP A 479 -0.97 21.31 -10.61
N PHE A 480 -2.04 20.83 -10.00
CA PHE A 480 -3.14 20.22 -10.74
C PHE A 480 -4.22 21.27 -11.06
N GLY A 481 -4.06 21.98 -12.16
CA GLY A 481 -5.05 22.98 -12.53
C GLY A 481 -4.43 24.25 -13.06
N LEU A 482 -3.42 24.75 -12.34
CA LEU A 482 -2.76 25.99 -12.75
C LEU A 482 -2.27 25.88 -14.19
N SER A 483 -2.16 24.64 -14.68
CA SER A 483 -1.73 24.42 -16.05
C SER A 483 -2.63 25.26 -16.94
N LYS A 484 -3.94 25.02 -16.84
CA LYS A 484 -4.93 25.74 -17.62
C LYS A 484 -5.23 27.09 -16.96
N ALA A 485 -4.29 28.01 -17.08
CA ALA A 485 -4.43 29.34 -16.52
C ALA A 485 -4.14 30.31 -17.66
N LEU A 486 -3.07 30.03 -18.41
CA LEU A 486 -2.64 30.84 -19.54
C LEU A 486 -1.76 30.02 -20.49
N GLY A 487 -1.08 30.70 -21.41
CA GLY A 487 -0.21 30.01 -22.36
C GLY A 487 0.23 30.88 -23.53
N PRO A 502 10.82 20.87 -23.16
CA PRO A 502 10.52 19.56 -22.59
C PRO A 502 9.06 19.41 -22.15
N LEU A 503 8.20 18.89 -23.03
CA LEU A 503 6.79 18.68 -22.71
C LEU A 503 6.27 17.44 -23.45
N LYS A 504 7.00 16.34 -23.28
CA LYS A 504 6.71 15.05 -23.90
C LYS A 504 5.78 14.20 -23.03
N TRP A 505 5.13 14.82 -22.06
CA TRP A 505 4.22 14.11 -21.17
C TRP A 505 2.80 14.12 -21.69
N TYR A 506 2.50 15.06 -22.58
CA TYR A 506 1.16 15.15 -23.15
C TYR A 506 0.85 14.00 -24.08
N ALA A 507 -0.41 13.59 -24.09
CA ALA A 507 -0.88 12.52 -24.95
C ALA A 507 -1.02 13.11 -26.35
N PRO A 508 -1.05 12.26 -27.38
CA PRO A 508 -1.17 12.73 -28.75
C PRO A 508 -2.35 13.67 -29.02
N GLU A 509 -3.51 13.37 -28.46
CA GLU A 509 -4.70 14.18 -28.68
C GLU A 509 -4.67 15.53 -27.95
N CYS A 510 -3.75 15.71 -27.03
CA CYS A 510 -3.68 16.99 -26.35
C CYS A 510 -3.10 17.97 -27.35
N ILE A 511 -2.13 17.48 -28.11
CA ILE A 511 -1.44 18.28 -29.12
C ILE A 511 -2.20 18.29 -30.45
N ASN A 512 -2.95 17.22 -30.71
CA ASN A 512 -3.70 17.08 -31.94
C ASN A 512 -5.10 17.68 -31.97
N PHE A 513 -5.82 17.68 -30.84
CA PHE A 513 -7.17 18.23 -30.88
C PHE A 513 -7.58 19.06 -29.67
N ARG A 514 -6.60 19.52 -28.90
CA ARG A 514 -6.90 20.31 -27.70
C ARG A 514 -7.85 19.55 -26.78
N LYS A 515 -7.64 18.24 -26.67
CA LYS A 515 -8.51 17.43 -25.82
C LYS A 515 -7.82 17.04 -24.53
N PHE A 516 -8.46 17.38 -23.42
CA PHE A 516 -7.94 17.06 -22.11
C PHE A 516 -8.96 16.28 -21.29
N SER A 517 -8.54 15.15 -20.76
CA SER A 517 -9.41 14.31 -19.94
C SER A 517 -8.58 13.44 -19.02
N SER A 518 -9.26 12.76 -18.12
CA SER A 518 -8.57 11.86 -17.21
C SER A 518 -7.84 10.83 -18.06
N ARG A 519 -8.39 10.52 -19.23
CA ARG A 519 -7.75 9.56 -20.11
C ARG A 519 -6.48 10.21 -20.62
N SER A 520 -6.54 11.53 -20.80
CA SER A 520 -5.39 12.29 -21.26
C SER A 520 -4.29 12.24 -20.18
N ASP A 521 -4.71 12.24 -18.92
CA ASP A 521 -3.76 12.18 -17.81
C ASP A 521 -3.16 10.80 -17.67
N VAL A 522 -3.98 9.77 -17.88
CA VAL A 522 -3.49 8.39 -17.78
C VAL A 522 -2.26 8.18 -18.63
N TRP A 523 -2.10 8.99 -19.69
CA TRP A 523 -0.95 8.88 -20.59
C TRP A 523 0.28 9.47 -19.91
N SER A 524 0.08 10.60 -19.24
CA SER A 524 1.15 11.29 -18.53
C SER A 524 1.65 10.43 -17.38
N TYR A 525 0.73 9.67 -16.79
CA TYR A 525 1.08 8.77 -15.69
C TYR A 525 1.96 7.68 -16.28
N GLY A 526 1.65 7.28 -17.51
CA GLY A 526 2.44 6.27 -18.18
C GLY A 526 3.86 6.80 -18.29
N VAL A 527 4.00 8.04 -18.74
CA VAL A 527 5.30 8.67 -18.89
C VAL A 527 5.98 8.81 -17.53
N THR A 528 5.23 9.26 -16.54
CA THR A 528 5.77 9.43 -15.20
C THR A 528 6.30 8.10 -14.69
N MET A 529 5.55 7.03 -14.88
CA MET A 529 6.01 5.72 -14.44
C MET A 529 7.40 5.49 -14.98
N TRP A 530 7.56 5.67 -16.28
CA TRP A 530 8.86 5.50 -16.94
C TRP A 530 9.95 6.36 -16.28
N GLU A 531 9.69 7.66 -16.15
CA GLU A 531 10.65 8.58 -15.52
C GLU A 531 11.15 7.99 -14.20
N ALA A 532 10.21 7.48 -13.41
CA ALA A 532 10.54 6.92 -12.12
C ALA A 532 11.23 5.56 -12.23
N LEU A 533 10.60 4.62 -12.93
CA LEU A 533 11.19 3.29 -13.03
C LEU A 533 12.60 3.27 -13.60
N SER A 534 12.92 4.28 -14.42
CA SER A 534 14.27 4.35 -14.99
C SER A 534 15.09 5.36 -14.20
N TYR A 535 14.71 5.55 -12.95
CA TYR A 535 15.38 6.46 -12.03
C TYR A 535 15.81 7.81 -12.59
N GLY A 536 14.85 8.70 -12.78
CA GLY A 536 15.15 10.04 -13.26
C GLY A 536 15.72 10.26 -14.65
N GLN A 537 15.41 9.38 -15.59
CA GLN A 537 15.92 9.54 -16.95
C GLN A 537 14.95 10.36 -17.80
N LYS A 538 15.48 11.27 -18.61
CA LYS A 538 14.63 12.08 -19.46
C LYS A 538 13.91 11.27 -20.52
N PRO A 539 12.59 11.46 -20.64
CA PRO A 539 11.77 10.75 -21.62
C PRO A 539 12.21 11.07 -23.05
N TYR A 540 12.35 10.04 -23.86
CA TYR A 540 12.76 10.23 -25.23
C TYR A 540 13.95 11.18 -25.22
N LYS A 541 15.05 10.75 -24.64
CA LYS A 541 16.24 11.58 -24.54
C LYS A 541 16.71 12.11 -25.89
N LYS A 542 16.98 11.19 -26.81
CA LYS A 542 17.47 11.58 -28.14
C LYS A 542 16.42 12.21 -29.07
N MET A 543 15.58 13.09 -28.54
CA MET A 543 14.55 13.78 -29.32
C MET A 543 14.05 15.05 -28.63
N LYS A 544 13.14 15.76 -29.29
CA LYS A 544 12.56 16.97 -28.72
C LYS A 544 11.20 17.26 -29.32
N GLY A 545 11.14 18.25 -30.21
CA GLY A 545 9.87 18.62 -30.81
C GLY A 545 9.10 17.48 -31.48
N PRO A 546 8.68 17.68 -32.73
CA PRO A 546 7.94 16.70 -33.52
C PRO A 546 8.52 15.28 -33.53
N GLU A 547 9.84 15.18 -33.44
CA GLU A 547 10.50 13.87 -33.46
C GLU A 547 9.74 12.84 -32.63
N VAL A 548 9.17 13.30 -31.52
CA VAL A 548 8.39 12.42 -30.65
C VAL A 548 7.06 12.13 -31.32
N MET A 549 6.33 13.19 -31.64
CA MET A 549 5.03 13.06 -32.29
C MET A 549 5.09 11.97 -33.35
N ALA A 550 6.13 12.06 -34.19
CA ALA A 550 6.36 11.11 -35.26
C ALA A 550 6.54 9.75 -34.62
N PHE A 551 7.57 9.65 -33.81
CA PHE A 551 7.89 8.42 -33.11
C PHE A 551 6.62 7.72 -32.63
N ILE A 552 5.69 8.49 -32.06
CA ILE A 552 4.46 7.90 -31.57
C ILE A 552 3.59 7.27 -32.64
N GLU A 553 3.14 8.08 -33.60
CA GLU A 553 2.28 7.60 -34.69
C GLU A 553 2.74 6.27 -35.29
N GLN A 554 4.06 6.09 -35.41
CA GLN A 554 4.62 4.86 -35.97
C GLN A 554 4.50 3.64 -35.05
N GLY A 555 3.67 3.76 -34.02
CA GLY A 555 3.48 2.66 -33.08
C GLY A 555 4.63 2.38 -32.14
N LYS A 556 5.52 3.34 -31.99
CA LYS A 556 6.68 3.16 -31.11
C LYS A 556 6.51 3.86 -29.76
N ARG A 557 6.85 3.16 -28.69
CA ARG A 557 6.79 3.71 -27.34
C ARG A 557 8.19 3.60 -26.75
N MET A 558 8.39 4.14 -25.56
CA MET A 558 9.71 4.02 -24.97
C MET A 558 9.94 2.58 -24.47
N GLU A 559 11.20 2.19 -24.51
CA GLU A 559 11.66 0.87 -24.12
C GLU A 559 11.45 0.59 -22.64
N CYS A 560 11.37 -0.70 -22.31
CA CYS A 560 11.19 -1.10 -20.92
C CYS A 560 12.46 -0.81 -20.14
N PRO A 561 12.36 0.06 -19.11
CA PRO A 561 13.49 0.44 -18.28
C PRO A 561 14.24 -0.75 -17.67
N PRO A 562 15.54 -0.58 -17.42
CA PRO A 562 16.33 -1.65 -16.84
C PRO A 562 15.72 -2.05 -15.50
N GLU A 563 15.87 -3.31 -15.13
CA GLU A 563 15.35 -3.82 -13.87
C GLU A 563 13.93 -3.34 -13.51
N CYS A 564 13.08 -3.20 -14.52
CA CYS A 564 11.70 -2.81 -14.32
C CYS A 564 10.85 -4.02 -14.61
N PRO A 565 10.19 -4.57 -13.58
CA PRO A 565 9.34 -5.75 -13.77
C PRO A 565 8.37 -5.63 -14.95
N PRO A 566 8.01 -6.77 -15.55
CA PRO A 566 7.10 -6.85 -16.70
C PRO A 566 5.69 -6.27 -16.48
N GLU A 567 5.08 -6.58 -15.34
CA GLU A 567 3.74 -6.11 -15.03
C GLU A 567 3.63 -4.58 -15.11
N LEU A 568 4.68 -3.88 -14.67
CA LEU A 568 4.68 -2.42 -14.70
C LEU A 568 4.81 -1.90 -16.12
N TYR A 569 5.76 -2.46 -16.86
CA TYR A 569 5.96 -2.06 -18.23
C TYR A 569 4.69 -2.40 -18.99
N ALA A 570 4.01 -3.46 -18.55
CA ALA A 570 2.77 -3.87 -19.18
C ALA A 570 1.71 -2.81 -18.92
N LEU A 571 1.63 -2.36 -17.68
CA LEU A 571 0.67 -1.33 -17.27
C LEU A 571 1.01 -0.02 -17.97
N MET A 572 2.29 0.29 -17.97
CA MET A 572 2.77 1.49 -18.59
C MET A 572 2.38 1.49 -20.06
N SER A 573 2.55 0.33 -20.70
CA SER A 573 2.22 0.18 -22.12
C SER A 573 0.75 0.46 -22.36
N ASP A 574 -0.11 -0.19 -21.59
CA ASP A 574 -1.54 0.06 -21.74
C ASP A 574 -1.81 1.55 -21.57
N CYS A 575 -0.94 2.25 -20.84
CA CYS A 575 -1.14 3.67 -20.64
C CYS A 575 -0.83 4.46 -21.90
N TRP A 576 -0.15 3.84 -22.85
CA TRP A 576 0.20 4.49 -24.11
C TRP A 576 -0.55 3.97 -25.36
N ILE A 577 -1.84 3.71 -25.23
CA ILE A 577 -2.64 3.27 -26.37
C ILE A 577 -3.02 4.57 -27.10
N TYR A 578 -2.81 4.60 -28.41
CA TYR A 578 -3.10 5.80 -29.19
C TYR A 578 -4.57 6.27 -29.10
N LYS A 579 -5.50 5.33 -29.09
CA LYS A 579 -6.91 5.67 -29.01
C LYS A 579 -7.27 5.81 -27.54
N TRP A 580 -7.25 7.03 -27.02
CA TRP A 580 -7.55 7.26 -25.60
C TRP A 580 -8.67 6.44 -24.98
N GLU A 581 -9.64 6.05 -25.80
CA GLU A 581 -10.77 5.26 -25.31
C GLU A 581 -10.37 3.83 -24.95
N ASP A 582 -9.24 3.37 -25.49
CA ASP A 582 -8.76 2.02 -25.21
C ASP A 582 -7.91 2.01 -23.95
N ARG A 583 -7.33 3.15 -23.61
CA ARG A 583 -6.48 3.29 -22.44
C ARG A 583 -7.29 3.16 -21.17
N PRO A 584 -6.76 2.45 -20.17
CA PRO A 584 -7.49 2.28 -18.91
C PRO A 584 -7.76 3.61 -18.26
N ASP A 585 -8.73 3.65 -17.37
CA ASP A 585 -9.06 4.86 -16.63
C ASP A 585 -8.29 4.69 -15.31
N PHE A 586 -8.16 5.74 -14.51
CA PHE A 586 -7.40 5.62 -13.27
C PHE A 586 -7.92 4.63 -12.24
N LEU A 587 -9.21 4.32 -12.32
CA LEU A 587 -9.80 3.36 -11.40
C LEU A 587 -9.12 2.01 -11.66
N THR A 588 -9.02 1.66 -12.93
CA THR A 588 -8.40 0.40 -13.33
C THR A 588 -6.90 0.49 -13.12
N VAL A 589 -6.33 1.65 -13.44
CA VAL A 589 -4.89 1.85 -13.29
C VAL A 589 -4.47 1.67 -11.85
N GLU A 590 -5.24 2.27 -10.96
CA GLU A 590 -4.94 2.20 -9.55
C GLU A 590 -5.06 0.77 -8.99
N GLN A 591 -6.02 0.00 -9.49
CA GLN A 591 -6.16 -1.38 -9.02
C GLN A 591 -4.92 -2.13 -9.43
N ARG A 592 -4.56 -2.00 -10.70
CA ARG A 592 -3.38 -2.70 -11.23
C ARG A 592 -2.10 -2.28 -10.54
N MET A 593 -1.88 -0.98 -10.38
CA MET A 593 -0.67 -0.49 -9.73
C MET A 593 -0.59 -0.94 -8.28
N ARG A 594 -1.73 -1.30 -7.69
CA ARG A 594 -1.74 -1.75 -6.31
C ARG A 594 -1.34 -3.20 -6.21
N ALA A 595 -1.95 -4.02 -7.06
CA ALA A 595 -1.66 -5.45 -7.10
C ALA A 595 -0.17 -5.62 -7.33
N CYS A 596 0.36 -4.86 -8.28
CA CYS A 596 1.80 -4.92 -8.59
C CYS A 596 2.56 -4.56 -7.35
N TYR A 597 2.28 -3.36 -6.85
CA TYR A 597 2.94 -2.83 -5.67
C TYR A 597 2.94 -3.76 -4.47
N TYR A 598 1.75 -4.23 -4.07
CA TYR A 598 1.64 -5.14 -2.94
C TYR A 598 2.58 -6.34 -3.09
N SER A 599 2.49 -7.03 -4.22
CA SER A 599 3.34 -8.19 -4.48
C SER A 599 4.83 -7.85 -4.36
N LEU A 600 5.22 -6.65 -4.81
CA LEU A 600 6.61 -6.23 -4.73
C LEU A 600 7.02 -5.97 -3.30
N ALA A 601 6.05 -5.59 -2.49
CA ALA A 601 6.29 -5.28 -1.09
C ALA A 601 6.35 -6.51 -0.20
N SER A 602 7.32 -7.37 -0.45
CA SER A 602 7.50 -8.57 0.35
C SER A 602 8.99 -8.88 0.47
N LYS A 603 9.68 -8.90 -0.67
CA LYS A 603 11.11 -9.19 -0.75
C LYS A 603 12.12 -8.48 0.14
N VAL A 604 11.84 -8.45 1.44
CA VAL A 604 12.72 -7.84 2.41
C VAL A 604 13.11 -6.37 2.18
N GLU A 605 14.28 -6.07 1.57
CA GLU A 605 14.69 -4.67 1.39
C GLU A 605 16.01 -4.46 0.64
N GLY A 606 16.52 -3.22 0.62
CA GLY A 606 17.79 -2.94 -0.05
C GLY A 606 18.28 -1.50 -0.02
N GLY A 607 19.31 -1.21 0.78
CA GLY A 607 19.85 0.15 0.85
C GLY A 607 19.38 1.04 2.03
N SER A 608 20.30 1.85 2.56
CA SER A 608 20.03 2.78 3.68
C SER A 608 19.63 2.17 5.05
N ALA A 609 19.00 2.97 5.91
CA ALA A 609 18.60 2.56 7.27
C ALA A 609 17.48 1.52 7.41
N LEU A 610 17.66 0.38 6.74
CA LEU A 610 16.70 -0.71 6.77
C LEU A 610 17.21 -1.94 7.54
N GLU A 611 17.67 -1.72 8.76
CA GLU A 611 18.13 -2.83 9.59
C GLU A 611 16.80 -3.20 10.23
N VAL A 612 15.73 -2.71 9.60
CA VAL A 612 14.36 -2.87 10.09
C VAL A 612 14.49 -2.07 11.40
N ALA A 613 15.64 -1.41 11.52
CA ALA A 613 16.05 -0.60 12.66
C ALA A 613 14.89 -0.18 13.54
MG MG B . 5.53 21.98 -10.30
PG ANP C . 5.75 23.26 -13.95
O1G ANP C . 5.79 24.71 -14.33
O2G ANP C . 4.81 22.95 -12.81
O3G ANP C . 5.54 22.34 -15.10
PB ANP C . 8.02 22.69 -12.01
O1B ANP C . 9.44 22.97 -12.17
O2B ANP C . 7.62 21.37 -11.43
N3B ANP C . 7.28 22.88 -13.49
PA ANP C . 7.37 24.50 -9.77
O1A ANP C . 7.33 25.98 -9.80
O2A ANP C . 6.40 23.85 -8.88
O3A ANP C . 7.36 23.84 -11.22
O5' ANP C . 8.78 24.07 -9.33
C5' ANP C . 8.99 22.82 -8.71
C4' ANP C . 9.99 22.91 -7.64
O4' ANP C . 9.49 23.82 -6.64
C3' ANP C . 10.26 21.58 -6.98
O3' ANP C . 11.62 21.28 -7.24
C2' ANP C . 9.91 21.78 -5.52
O2' ANP C . 11.04 21.61 -4.64
C1' ANP C . 9.38 23.20 -5.34
N9 ANP C . 7.94 23.19 -4.85
C8 ANP C . 6.77 23.39 -5.56
N7 ANP C . 5.68 23.29 -4.84
C5 ANP C . 6.16 22.98 -3.58
C6 ANP C . 5.50 22.73 -2.31
N6 ANP C . 4.18 22.74 -2.21
N1 ANP C . 6.28 22.44 -1.22
C2 ANP C . 7.62 22.42 -1.35
N3 ANP C . 8.34 22.64 -2.46
C4 ANP C . 7.54 22.92 -3.56
#